data_6R59
#
_entry.id   6R59
#
_cell.length_a   37.110
_cell.length_b   42.950
_cell.length_c   122.240
_cell.angle_alpha   90.00
_cell.angle_beta   96.60
_cell.angle_gamma   90.00
#
_symmetry.space_group_name_H-M   'P 1 21 1'
#
loop_
_entity.id
_entity.type
_entity.pdbx_description
1 polymer 'Pro-Pro endopeptidase'
2 polymer ACE-GLU-VAL-ALA-PRO-PRO-VAL-LPD
3 non-polymer 'ZINC ION'
4 water water
#
loop_
_entity_poly.entity_id
_entity_poly.type
_entity_poly.pdbx_seq_one_letter_code
_entity_poly.pdbx_strand_id
1 'polypeptide(L)'
;GHMDSTTIQQNKDTLSQIVVFPTGNYDKNEANAMVNRLANIDGKYLNALKQNNLKIKLLSGKLTDEKEYAYLKGVVPKGW
EGTGKTWDDVPGLGGSTVALRIGFSNKGKGHDAINLELHATAHAIDHIVLNDISKSAQFKQIFAKEGRSLGNVNFLGVYP
EEFFAESFAYYYLNQDTNSKLKSACPQTYSFLQNLAK
;
A,B
2 'polypeptide(L)' (ACE)EVAPPV(LPD) E,C
#
loop_
_chem_comp.id
_chem_comp.type
_chem_comp.name
_chem_comp.formula
ACE non-polymer 'ACETYL GROUP' 'C2 H4 O'
ZN non-polymer 'ZINC ION' 'Zn 2'
#
# COMPACT_ATOMS: atom_id res chain seq x y z
N SER A 5 -17.35 18.42 17.77
CA SER A 5 -18.42 17.70 18.45
C SER A 5 -19.78 18.22 18.00
N THR A 6 -20.05 19.50 18.28
CA THR A 6 -21.29 20.11 17.82
C THR A 6 -21.36 20.13 16.30
N THR A 7 -20.20 20.22 15.62
CA THR A 7 -20.19 20.23 14.17
C THR A 7 -20.47 18.83 13.63
N ILE A 8 -19.97 17.80 14.30
CA ILE A 8 -20.28 16.44 13.91
C ILE A 8 -21.79 16.21 13.98
N GLN A 9 -22.44 16.69 15.06
CA GLN A 9 -23.89 16.57 15.16
C GLN A 9 -24.57 17.32 14.03
N GLN A 10 -24.11 18.55 13.73
CA GLN A 10 -24.66 19.30 12.60
C GLN A 10 -24.51 18.51 11.32
N ASN A 11 -23.33 17.90 11.11
CA ASN A 11 -23.09 17.12 9.92
C ASN A 11 -23.99 15.89 9.87
N LYS A 12 -24.31 15.30 11.03
CA LYS A 12 -25.22 14.16 11.04
C LYS A 12 -26.64 14.58 10.71
N ASP A 13 -27.04 15.78 11.11
CA ASP A 13 -28.35 16.33 10.75
C ASP A 13 -28.44 16.58 9.25
N THR A 14 -27.41 17.19 8.65
CA THR A 14 -27.41 17.36 7.20
C THR A 14 -27.53 16.02 6.50
N LEU A 15 -26.78 15.03 6.95
CA LEU A 15 -26.81 13.70 6.34
C LEU A 15 -28.18 13.05 6.48
N SER A 16 -28.91 13.39 7.53
CA SER A 16 -30.26 12.84 7.67
C SER A 16 -31.18 13.26 6.52
N GLN A 17 -30.84 14.34 5.82
N GLN A 17 -30.83 14.34 5.81
CA GLN A 17 -31.60 14.78 4.65
CA GLN A 17 -31.59 14.80 4.65
C GLN A 17 -30.93 14.37 3.34
C GLN A 17 -30.96 14.33 3.34
N ILE A 18 -29.91 13.51 3.40
CA ILE A 18 -29.25 12.99 2.21
C ILE A 18 -29.28 11.47 2.16
N VAL A 19 -29.15 10.81 3.29
CA VAL A 19 -29.05 9.35 3.31
C VAL A 19 -30.43 8.74 3.15
N VAL A 20 -30.52 7.71 2.31
CA VAL A 20 -31.75 6.95 2.08
C VAL A 20 -31.46 5.52 2.52
N PHE A 21 -32.23 5.04 3.39
CA PHE A 21 -32.07 3.68 3.89
C PHE A 21 -32.88 2.71 3.04
N PRO A 22 -32.46 1.45 2.97
CA PRO A 22 -33.15 0.52 2.08
C PRO A 22 -34.45 0.06 2.72
N THR A 23 -35.35 -0.41 1.87
N THR A 23 -35.33 -0.43 1.87
CA THR A 23 -36.57 -1.02 2.36
CA THR A 23 -36.57 -1.04 2.32
C THR A 23 -36.30 -2.47 2.73
C THR A 23 -36.29 -2.49 2.72
N GLY A 24 -37.00 -2.95 3.74
CA GLY A 24 -36.82 -4.30 4.22
C GLY A 24 -35.72 -4.39 5.25
N ASN A 25 -35.24 -5.61 5.44
CA ASN A 25 -34.27 -5.89 6.48
C ASN A 25 -32.89 -5.41 6.09
N TYR A 26 -32.19 -4.81 7.05
CA TYR A 26 -30.80 -4.40 6.85
C TYR A 26 -30.18 -4.17 8.22
N ASP A 27 -28.86 -4.15 8.24
CA ASP A 27 -28.07 -3.92 9.45
C ASP A 27 -28.19 -2.45 9.84
N LYS A 28 -29.08 -2.17 10.79
CA LYS A 28 -29.33 -0.79 11.21
C LYS A 28 -28.11 -0.20 11.90
N ASN A 29 -27.39 -1.00 12.68
CA ASN A 29 -26.24 -0.48 13.41
C ASN A 29 -25.11 -0.13 12.45
N GLU A 30 -24.86 -0.99 11.48
CA GLU A 30 -23.80 -0.70 10.53
C GLU A 30 -24.16 0.47 9.61
N ALA A 31 -25.45 0.61 9.27
CA ALA A 31 -25.88 1.77 8.49
C ALA A 31 -25.59 3.05 9.24
N ASN A 32 -25.89 3.06 10.56
CA ASN A 32 -25.58 4.23 11.38
C ASN A 32 -24.08 4.50 11.39
N ALA A 33 -23.27 3.43 11.48
CA ALA A 33 -21.82 3.57 11.49
C ALA A 33 -21.33 4.20 10.21
N MET A 34 -21.91 3.81 9.08
CA MET A 34 -21.53 4.44 7.80
C MET A 34 -21.85 5.92 7.79
N VAL A 35 -23.05 6.29 8.28
CA VAL A 35 -23.43 7.69 8.38
C VAL A 35 -22.47 8.43 9.28
N ASN A 36 -22.07 7.82 10.39
CA ASN A 36 -21.17 8.50 11.32
C ASN A 36 -19.83 8.78 10.67
N ARG A 37 -19.33 7.85 9.87
CA ARG A 37 -18.07 8.09 9.16
C ARG A 37 -18.25 9.19 8.11
N LEU A 38 -19.40 9.23 7.44
CA LEU A 38 -19.67 10.31 6.51
C LEU A 38 -19.74 11.66 7.21
N ALA A 39 -20.14 11.68 8.48
CA ALA A 39 -20.27 12.94 9.20
C ALA A 39 -18.93 13.61 9.46
N ASN A 40 -17.82 12.92 9.21
CA ASN A 40 -16.50 13.54 9.35
C ASN A 40 -16.16 14.42 8.15
N ILE A 41 -16.89 14.29 7.05
CA ILE A 41 -16.68 15.16 5.88
C ILE A 41 -17.05 16.58 6.25
N ASP A 42 -16.29 17.55 5.73
CA ASP A 42 -16.53 18.95 6.07
C ASP A 42 -17.96 19.34 5.75
N GLY A 43 -18.57 20.08 6.67
CA GLY A 43 -19.98 20.42 6.49
C GLY A 43 -20.27 21.18 5.23
N LYS A 44 -19.29 21.94 4.72
CA LYS A 44 -19.51 22.70 3.50
C LYS A 44 -19.83 21.77 2.32
N TYR A 45 -19.16 20.62 2.26
CA TYR A 45 -19.45 19.65 1.21
C TYR A 45 -20.81 19.00 1.43
N LEU A 46 -21.12 18.63 2.68
CA LEU A 46 -22.39 17.97 2.98
C LEU A 46 -23.56 18.91 2.67
N ASN A 47 -23.44 20.19 3.03
CA ASN A 47 -24.51 21.11 2.73
C ASN A 47 -24.70 21.25 1.23
N ALA A 48 -23.60 21.26 0.46
CA ALA A 48 -23.70 21.38 -0.98
C ALA A 48 -24.33 20.14 -1.62
N LEU A 49 -24.03 18.95 -1.09
CA LEU A 49 -24.71 17.75 -1.54
C LEU A 49 -26.20 17.86 -1.27
N LYS A 50 -26.57 18.28 -0.05
CA LYS A 50 -27.97 18.48 0.30
C LYS A 50 -28.63 19.47 -0.63
N GLN A 51 -27.95 20.59 -0.92
CA GLN A 51 -28.54 21.61 -1.77
C GLN A 51 -28.79 21.09 -3.17
N ASN A 52 -27.99 20.15 -3.63
CA ASN A 52 -28.12 19.59 -4.97
C ASN A 52 -29.01 18.35 -5.01
N ASN A 53 -29.72 18.07 -3.93
CA ASN A 53 -30.65 16.93 -3.85
C ASN A 53 -29.95 15.60 -4.10
N LEU A 54 -28.65 15.53 -3.80
CA LEU A 54 -27.92 14.28 -3.90
C LEU A 54 -28.34 13.35 -2.76
N LYS A 55 -28.76 12.15 -3.12
CA LYS A 55 -29.13 11.15 -2.15
C LYS A 55 -28.02 10.12 -2.03
N ILE A 56 -27.72 9.72 -0.79
CA ILE A 56 -26.76 8.66 -0.52
C ILE A 56 -27.59 7.43 -0.22
N LYS A 57 -27.70 6.54 -1.19
CA LYS A 57 -28.59 5.39 -1.05
C LYS A 57 -27.83 4.21 -0.44
N LEU A 58 -28.24 3.77 0.74
CA LEU A 58 -27.68 2.58 1.36
C LEU A 58 -28.52 1.39 0.96
N LEU A 59 -27.84 0.28 0.61
CA LEU A 59 -28.46 -0.88 0.01
C LEU A 59 -28.18 -2.14 0.83
N SER A 60 -29.14 -3.05 0.83
CA SER A 60 -28.94 -4.35 1.44
C SER A 60 -28.55 -5.41 0.42
N GLY A 61 -28.66 -5.12 -0.86
CA GLY A 61 -28.31 -6.06 -1.90
C GLY A 61 -27.43 -5.47 -2.98
N LYS A 62 -27.36 -6.14 -4.13
CA LYS A 62 -26.49 -5.69 -5.20
C LYS A 62 -26.93 -4.33 -5.76
N LEU A 63 -25.96 -3.51 -6.16
CA LEU A 63 -26.27 -2.24 -6.82
C LEU A 63 -27.13 -2.45 -8.05
N THR A 64 -26.77 -3.44 -8.89
CA THR A 64 -27.45 -3.64 -10.15
C THR A 64 -28.85 -4.24 -9.97
N ASP A 65 -29.21 -4.65 -8.75
CA ASP A 65 -30.60 -5.01 -8.47
C ASP A 65 -31.50 -3.78 -8.43
N GLU A 66 -30.93 -2.59 -8.29
CA GLU A 66 -31.71 -1.36 -8.32
C GLU A 66 -32.03 -0.97 -9.77
N LYS A 67 -33.23 -0.44 -9.97
CA LYS A 67 -33.72 -0.17 -11.32
C LYS A 67 -32.78 0.78 -12.05
N GLU A 68 -32.27 1.80 -11.36
CA GLU A 68 -31.45 2.82 -12.00
C GLU A 68 -30.03 2.34 -12.33
N TYR A 69 -29.63 1.17 -11.85
CA TYR A 69 -28.31 0.62 -12.15
C TYR A 69 -28.38 -0.71 -12.88
N ALA A 70 -29.58 -1.16 -13.28
CA ALA A 70 -29.68 -2.42 -14.00
C ALA A 70 -28.91 -2.36 -15.32
N TYR A 71 -28.78 -1.18 -15.91
CA TYR A 71 -28.07 -1.07 -17.18
C TYR A 71 -26.58 -1.44 -17.03
N LEU A 72 -26.06 -1.44 -15.80
CA LEU A 72 -24.66 -1.77 -15.56
C LEU A 72 -24.42 -3.27 -15.39
N LYS A 73 -25.45 -4.10 -15.49
CA LYS A 73 -25.27 -5.54 -15.38
C LYS A 73 -24.27 -6.03 -16.43
N GLY A 74 -23.26 -6.77 -15.97
CA GLY A 74 -22.26 -7.31 -16.85
C GLY A 74 -21.19 -6.34 -17.28
N VAL A 75 -21.31 -5.07 -16.91
CA VAL A 75 -20.35 -4.08 -17.35
C VAL A 75 -19.15 -4.10 -16.40
N VAL A 76 -17.95 -4.08 -16.96
CA VAL A 76 -16.72 -4.03 -16.19
C VAL A 76 -16.42 -2.56 -15.88
N PRO A 77 -16.36 -2.17 -14.61
CA PRO A 77 -16.12 -0.76 -14.30
C PRO A 77 -14.76 -0.28 -14.77
N LYS A 78 -14.65 1.03 -14.93
CA LYS A 78 -13.38 1.69 -15.23
C LYS A 78 -12.31 1.26 -14.22
N GLY A 79 -11.16 0.80 -14.75
CA GLY A 79 -10.06 0.39 -13.91
C GLY A 79 -10.17 -0.99 -13.32
N TRP A 80 -11.29 -1.68 -13.55
CA TRP A 80 -11.50 -3.03 -13.02
C TRP A 80 -11.22 -4.09 -14.07
N GLU A 81 -10.56 -3.74 -15.16
CA GLU A 81 -10.21 -4.73 -16.17
C GLU A 81 -9.31 -5.81 -15.56
N GLY A 82 -9.65 -7.08 -15.82
CA GLY A 82 -8.85 -8.18 -15.36
C GLY A 82 -9.25 -8.73 -14.00
N THR A 83 -10.09 -8.02 -13.25
CA THR A 83 -10.52 -8.54 -11.95
C THR A 83 -11.50 -9.69 -12.08
N GLY A 84 -12.09 -9.90 -13.26
CA GLY A 84 -13.16 -10.87 -13.40
C GLY A 84 -14.46 -10.45 -12.76
N LYS A 85 -14.57 -9.20 -12.32
N LYS A 85 -14.56 -9.20 -12.31
CA LYS A 85 -15.77 -8.70 -11.67
CA LYS A 85 -15.76 -8.69 -11.67
C LYS A 85 -16.44 -7.66 -12.55
C LYS A 85 -16.45 -7.67 -12.57
N THR A 86 -17.75 -7.54 -12.39
CA THR A 86 -18.57 -6.55 -13.08
C THR A 86 -19.28 -5.70 -12.03
N TRP A 87 -20.03 -4.71 -12.50
CA TRP A 87 -20.77 -3.85 -11.58
C TRP A 87 -21.69 -4.66 -10.67
N ASP A 88 -22.12 -5.84 -11.15
CA ASP A 88 -22.95 -6.71 -10.31
C ASP A 88 -22.26 -7.05 -8.99
N ASP A 89 -20.92 -7.05 -8.99
CA ASP A 89 -20.13 -7.48 -7.85
C ASP A 89 -19.56 -6.33 -7.03
N VAL A 90 -19.76 -5.09 -7.47
CA VAL A 90 -19.09 -3.94 -6.88
C VAL A 90 -19.95 -3.39 -5.75
N PRO A 91 -19.39 -3.14 -4.56
CA PRO A 91 -20.22 -2.75 -3.42
C PRO A 91 -20.58 -1.27 -3.35
N GLY A 92 -20.01 -0.42 -4.21
CA GLY A 92 -20.28 1.00 -4.10
C GLY A 92 -20.13 1.72 -5.42
N LEU A 93 -20.87 2.82 -5.55
CA LEU A 93 -20.89 3.64 -6.75
C LEU A 93 -21.03 5.10 -6.36
N GLY A 94 -20.23 5.95 -7.02
CA GLY A 94 -20.31 7.39 -6.82
C GLY A 94 -20.22 8.13 -8.14
N GLY A 95 -20.54 9.43 -8.08
CA GLY A 95 -20.60 10.29 -9.25
C GLY A 95 -21.82 11.15 -9.20
N SER A 96 -22.68 11.06 -10.22
N SER A 96 -22.69 11.06 -10.22
CA SER A 96 -23.93 11.81 -10.22
CA SER A 96 -23.93 11.82 -10.20
C SER A 96 -24.91 11.29 -9.19
C SER A 96 -24.92 11.29 -9.18
N THR A 97 -24.71 10.07 -8.71
CA THR A 97 -25.50 9.48 -7.65
C THR A 97 -24.54 8.73 -6.73
N VAL A 98 -25.05 8.26 -5.59
CA VAL A 98 -24.25 7.46 -4.66
C VAL A 98 -25.09 6.30 -4.18
N ALA A 99 -24.54 5.08 -4.26
CA ALA A 99 -25.21 3.86 -3.82
C ALA A 99 -24.16 2.95 -3.20
N LEU A 100 -24.47 2.44 -2.00
CA LEU A 100 -23.49 1.79 -1.16
C LEU A 100 -24.10 0.58 -0.47
N ARG A 101 -23.42 -0.55 -0.56
CA ARG A 101 -23.89 -1.74 0.15
C ARG A 101 -23.46 -1.73 1.62
N ILE A 102 -24.44 -1.89 2.52
CA ILE A 102 -24.12 -1.89 3.93
C ILE A 102 -23.28 -3.11 4.30
N GLY A 103 -22.26 -2.88 5.11
CA GLY A 103 -21.38 -3.94 5.54
C GLY A 103 -20.08 -4.04 4.76
N PHE A 104 -19.94 -3.29 3.67
CA PHE A 104 -18.79 -3.42 2.79
C PHE A 104 -17.86 -2.22 2.88
N SER A 105 -17.89 -1.48 4.00
CA SER A 105 -17.12 -0.23 4.07
C SER A 105 -15.61 -0.48 3.98
N ASN A 106 -15.11 -1.48 4.70
CA ASN A 106 -13.69 -1.60 4.94
C ASN A 106 -12.94 -2.16 3.75
N LYS A 107 -11.67 -1.75 3.63
CA LYS A 107 -10.77 -2.30 2.63
C LYS A 107 -10.77 -3.83 2.69
N GLY A 108 -10.95 -4.45 1.52
CA GLY A 108 -11.00 -5.88 1.41
C GLY A 108 -12.39 -6.46 1.24
N LYS A 109 -13.43 -5.68 1.48
CA LYS A 109 -14.81 -6.15 1.32
C LYS A 109 -15.29 -5.93 -0.11
N GLY A 110 -14.66 -6.66 -1.03
CA GLY A 110 -15.01 -6.54 -2.41
C GLY A 110 -14.40 -5.34 -3.10
N HIS A 111 -13.47 -4.67 -2.42
CA HIS A 111 -12.81 -3.47 -2.94
C HIS A 111 -11.55 -3.25 -2.13
N ASP A 112 -10.71 -2.33 -2.60
CA ASP A 112 -9.45 -2.01 -1.93
C ASP A 112 -9.35 -0.53 -1.58
N ALA A 113 -10.50 0.16 -1.47
CA ALA A 113 -10.49 1.55 -1.01
C ALA A 113 -10.33 1.60 0.50
N ILE A 114 -9.73 2.69 0.97
CA ILE A 114 -9.59 2.88 2.41
C ILE A 114 -10.95 2.86 3.11
N ASN A 115 -12.00 3.32 2.43
CA ASN A 115 -13.35 3.31 2.96
C ASN A 115 -14.31 3.50 1.81
N LEU A 116 -15.30 2.61 1.71
CA LEU A 116 -16.21 2.59 0.56
C LEU A 116 -17.02 3.89 0.46
N GLU A 117 -17.71 4.27 1.54
CA GLU A 117 -18.66 5.37 1.47
C GLU A 117 -17.94 6.71 1.27
N LEU A 118 -16.77 6.88 1.89
N LEU A 118 -16.77 6.88 1.88
CA LEU A 118 -16.03 8.13 1.70
CA LEU A 118 -16.04 8.15 1.69
C LEU A 118 -15.48 8.24 0.28
C LEU A 118 -15.45 8.26 0.29
N HIS A 119 -15.01 7.13 -0.30
CA HIS A 119 -14.50 7.18 -1.67
C HIS A 119 -15.63 7.52 -2.63
N ALA A 120 -16.78 6.84 -2.47
CA ALA A 120 -17.90 7.10 -3.38
C ALA A 120 -18.42 8.53 -3.24
N THR A 121 -18.58 9.01 -2.00
CA THR A 121 -19.13 10.35 -1.80
C THR A 121 -18.13 11.40 -2.24
N ALA A 122 -16.85 11.12 -2.09
CA ALA A 122 -15.82 12.01 -2.63
C ALA A 122 -15.97 12.22 -4.14
N HIS A 123 -16.27 11.14 -4.86
N HIS A 123 -16.31 11.16 -4.87
CA HIS A 123 -16.56 11.23 -6.28
CA HIS A 123 -16.51 11.32 -6.30
C HIS A 123 -17.73 12.15 -6.55
C HIS A 123 -17.77 12.12 -6.60
N ALA A 124 -18.80 12.00 -5.76
CA ALA A 124 -19.99 12.80 -5.97
C ALA A 124 -19.69 14.26 -5.67
N ILE A 125 -18.86 14.51 -4.65
CA ILE A 125 -18.47 15.89 -4.34
C ILE A 125 -17.62 16.46 -5.47
N ASP A 126 -16.65 15.67 -5.95
CA ASP A 126 -15.84 16.07 -7.10
C ASP A 126 -16.72 16.47 -8.29
N HIS A 127 -17.70 15.62 -8.63
CA HIS A 127 -18.47 15.81 -9.84
C HIS A 127 -19.59 16.83 -9.65
N ILE A 128 -20.36 16.71 -8.56
CA ILE A 128 -21.54 17.56 -8.42
C ILE A 128 -21.18 18.92 -7.82
N VAL A 129 -20.35 18.93 -6.77
CA VAL A 129 -20.12 20.15 -6.01
C VAL A 129 -18.95 20.94 -6.58
N LEU A 130 -17.90 20.24 -7.00
CA LEU A 130 -16.66 20.91 -7.38
C LEU A 130 -16.44 20.94 -8.89
N ASN A 131 -17.45 20.60 -9.67
CA ASN A 131 -17.39 20.68 -11.12
C ASN A 131 -16.17 19.99 -11.70
N ASP A 132 -15.93 18.76 -11.23
CA ASP A 132 -14.84 17.90 -11.75
C ASP A 132 -13.47 18.57 -11.58
N ILE A 133 -13.21 19.05 -10.36
CA ILE A 133 -11.94 19.70 -10.09
C ILE A 133 -10.80 18.71 -10.24
N SER A 134 -11.05 17.42 -10.03
CA SER A 134 -9.98 16.45 -10.17
C SER A 134 -9.41 16.40 -11.58
N LYS A 135 -10.13 16.96 -12.56
CA LYS A 135 -9.67 16.96 -13.94
C LYS A 135 -9.26 18.36 -14.37
N SER A 136 -9.10 19.26 -13.42
CA SER A 136 -8.57 20.60 -13.70
C SER A 136 -7.05 20.58 -13.80
N ALA A 137 -6.50 21.61 -14.46
CA ALA A 137 -5.05 21.67 -14.64
C ALA A 137 -4.33 21.67 -13.29
N GLN A 138 -4.90 22.32 -12.29
CA GLN A 138 -4.19 22.43 -11.02
C GLN A 138 -4.03 21.08 -10.35
N PHE A 139 -5.11 20.29 -10.33
CA PHE A 139 -5.00 18.98 -9.70
C PHE A 139 -4.25 17.98 -10.56
N LYS A 140 -4.41 18.05 -11.88
CA LYS A 140 -3.61 17.20 -12.76
C LYS A 140 -2.13 17.39 -12.50
N GLN A 141 -1.70 18.65 -12.28
CA GLN A 141 -0.30 18.88 -11.93
C GLN A 141 0.09 18.19 -10.63
N ILE A 142 -0.80 18.20 -9.63
CA ILE A 142 -0.52 17.52 -8.38
C ILE A 142 -0.59 16.01 -8.60
N PHE A 143 -1.60 15.55 -9.34
CA PHE A 143 -1.75 14.12 -9.63
C PHE A 143 -0.52 13.56 -10.36
N ALA A 144 0.06 14.35 -11.27
CA ALA A 144 1.22 13.87 -12.00
C ALA A 144 2.37 13.56 -11.07
N LYS A 145 2.53 14.36 -10.01
CA LYS A 145 3.66 14.19 -9.11
C LYS A 145 3.39 13.16 -8.02
N GLU A 146 2.21 13.18 -7.42
CA GLU A 146 1.92 12.39 -6.23
C GLU A 146 0.89 11.29 -6.46
N GLY A 147 0.40 11.13 -7.70
CA GLY A 147 -0.66 10.16 -7.98
C GLY A 147 -0.28 8.73 -7.73
N ARG A 148 1.02 8.43 -7.63
CA ARG A 148 1.50 7.06 -7.48
C ARG A 148 2.06 6.81 -6.09
N SER A 149 1.69 7.64 -5.11
CA SER A 149 2.26 7.56 -3.77
C SER A 149 1.30 6.95 -2.77
N LEU A 150 0.08 6.64 -3.19
CA LEU A 150 -0.91 6.01 -2.33
C LEU A 150 -1.14 4.55 -2.69
N GLY A 151 -0.26 3.95 -3.50
CA GLY A 151 -0.46 2.59 -3.95
C GLY A 151 -1.52 2.47 -5.02
N ASN A 152 -1.79 1.21 -5.41
CA ASN A 152 -2.72 0.91 -6.49
C ASN A 152 -2.47 1.81 -7.70
N VAL A 153 -1.21 1.89 -8.11
CA VAL A 153 -0.79 2.87 -9.09
C VAL A 153 -1.40 2.63 -10.46
N ASN A 154 -1.86 1.41 -10.75
CA ASN A 154 -2.57 1.16 -11.99
C ASN A 154 -3.99 1.72 -11.97
N PHE A 155 -4.48 2.16 -10.81
CA PHE A 155 -5.80 2.76 -10.69
C PHE A 155 -5.72 4.20 -10.19
N LEU A 156 -5.21 4.42 -8.97
CA LEU A 156 -5.10 5.77 -8.44
C LEU A 156 -4.09 6.58 -9.23
N GLY A 157 -3.02 5.94 -9.68
CA GLY A 157 -1.99 6.64 -10.44
C GLY A 157 -2.29 6.88 -11.89
N VAL A 158 -3.46 6.49 -12.37
CA VAL A 158 -3.83 6.60 -13.77
C VAL A 158 -5.07 7.49 -13.97
N TYR A 159 -5.99 7.44 -13.01
CA TYR A 159 -7.22 8.25 -13.10
C TYR A 159 -7.19 9.36 -12.06
N PRO A 160 -7.05 10.62 -12.45
CA PRO A 160 -6.94 11.68 -11.42
C PRO A 160 -8.18 11.79 -10.57
N GLU A 161 -9.38 11.51 -11.10
CA GLU A 161 -10.58 11.53 -10.27
C GLU A 161 -10.55 10.43 -9.21
N GLU A 162 -9.86 9.32 -9.48
CA GLU A 162 -9.77 8.25 -8.48
C GLU A 162 -8.75 8.60 -7.42
N PHE A 163 -7.63 9.21 -7.81
CA PHE A 163 -6.68 9.69 -6.83
C PHE A 163 -7.30 10.75 -5.93
N PHE A 164 -8.11 11.64 -6.51
CA PHE A 164 -8.78 12.66 -5.73
C PHE A 164 -9.72 12.00 -4.72
N ALA A 165 -10.56 11.07 -5.20
CA ALA A 165 -11.57 10.47 -4.34
C ALA A 165 -10.94 9.68 -3.20
N GLU A 166 -9.85 8.94 -3.49
CA GLU A 166 -9.19 8.15 -2.46
C GLU A 166 -8.41 9.06 -1.50
N SER A 167 -7.76 10.09 -2.02
N SER A 167 -7.76 10.10 -2.03
CA SER A 167 -7.10 11.04 -1.14
CA SER A 167 -7.10 11.04 -1.14
C SER A 167 -8.10 11.76 -0.24
C SER A 167 -8.11 11.75 -0.25
N PHE A 168 -9.24 12.17 -0.81
CA PHE A 168 -10.30 12.78 -0.01
C PHE A 168 -10.74 11.80 1.09
N ALA A 169 -10.84 10.52 0.77
CA ALA A 169 -11.22 9.55 1.81
C ALA A 169 -10.15 9.47 2.91
N TYR A 170 -8.88 9.42 2.53
CA TYR A 170 -7.81 9.45 3.55
C TYR A 170 -7.93 10.70 4.41
N TYR A 171 -8.24 11.84 3.80
CA TYR A 171 -8.23 13.09 4.54
C TYR A 171 -9.29 13.10 5.63
N TYR A 172 -10.44 12.45 5.40
CA TYR A 172 -11.59 12.60 6.27
C TYR A 172 -11.94 11.37 7.06
N LEU A 173 -11.40 10.20 6.74
CA LEU A 173 -11.80 8.98 7.45
C LEU A 173 -11.48 9.09 8.94
N ASN A 174 -10.21 9.27 9.27
CA ASN A 174 -9.82 9.42 10.67
C ASN A 174 -8.46 10.11 10.71
N GLN A 175 -7.97 10.34 11.94
CA GLN A 175 -6.71 11.04 12.11
C GLN A 175 -5.52 10.25 11.57
N ASP A 176 -5.57 8.92 11.65
CA ASP A 176 -4.47 8.10 11.17
C ASP A 176 -4.31 8.23 9.65
N THR A 177 -5.40 8.05 8.92
CA THR A 177 -5.32 8.15 7.46
C THR A 177 -5.02 9.58 7.04
N ASN A 178 -5.55 10.55 7.79
CA ASN A 178 -5.21 11.94 7.51
C ASN A 178 -3.70 12.17 7.59
N SER A 179 -3.06 11.63 8.64
CA SER A 179 -1.63 11.77 8.79
C SER A 179 -0.88 11.06 7.67
N LYS A 180 -1.34 9.86 7.28
CA LYS A 180 -0.67 9.13 6.21
C LYS A 180 -0.70 9.92 4.91
N LEU A 181 -1.83 10.51 4.58
CA LEU A 181 -1.92 11.32 3.35
C LEU A 181 -0.92 12.47 3.37
N LYS A 182 -0.82 13.19 4.49
CA LYS A 182 0.10 14.32 4.54
C LYS A 182 1.53 13.87 4.31
N SER A 183 1.91 12.71 4.84
N SER A 183 1.91 12.70 4.83
CA SER A 183 3.28 12.24 4.67
CA SER A 183 3.28 12.24 4.67
C SER A 183 3.54 11.78 3.23
C SER A 183 3.55 11.77 3.25
N ALA A 184 2.58 11.11 2.62
CA ALA A 184 2.77 10.56 1.29
C ALA A 184 2.52 11.58 0.18
N CYS A 185 1.55 12.47 0.36
CA CYS A 185 1.09 13.37 -0.69
C CYS A 185 0.89 14.76 -0.10
N PRO A 186 1.98 15.46 0.19
CA PRO A 186 1.84 16.77 0.85
C PRO A 186 1.12 17.81 0.01
N GLN A 187 1.38 17.87 -1.29
CA GLN A 187 0.69 18.83 -2.14
C GLN A 187 -0.80 18.52 -2.22
N THR A 188 -1.15 17.23 -2.29
CA THR A 188 -2.56 16.85 -2.30
C THR A 188 -3.24 17.23 -0.98
N TYR A 189 -2.54 17.00 0.14
CA TYR A 189 -3.08 17.32 1.46
C TYR A 189 -3.35 18.80 1.57
N SER A 190 -2.37 19.63 1.18
CA SER A 190 -2.56 21.07 1.21
C SER A 190 -3.69 21.50 0.28
N PHE A 191 -3.78 20.87 -0.89
CA PHE A 191 -4.86 21.17 -1.82
C PHE A 191 -6.22 20.91 -1.18
N LEU A 192 -6.37 19.77 -0.52
CA LEU A 192 -7.64 19.47 0.13
C LEU A 192 -7.88 20.41 1.31
N GLN A 193 -6.83 20.77 2.03
CA GLN A 193 -6.98 21.68 3.16
C GLN A 193 -7.46 23.05 2.70
N ASN A 194 -6.94 23.54 1.57
CA ASN A 194 -7.39 24.82 1.05
C ASN A 194 -8.78 24.72 0.45
N LEU A 195 -9.13 23.58 -0.14
CA LEU A 195 -10.47 23.43 -0.71
C LEU A 195 -11.56 23.62 0.33
N ALA A 196 -11.30 23.20 1.57
CA ALA A 196 -12.32 23.28 2.61
C ALA A 196 -12.38 24.63 3.30
N LYS A 197 -11.44 25.53 3.01
CA LYS A 197 -11.44 26.87 3.62
C LYS A 197 -12.66 27.67 3.17
N THR B 6 17.26 -11.58 -18.03
CA THR B 6 16.86 -12.94 -17.69
C THR B 6 15.35 -13.02 -17.45
N THR B 7 14.76 -14.10 -17.93
CA THR B 7 13.33 -14.32 -17.79
C THR B 7 12.99 -14.79 -16.36
N ILE B 8 11.69 -14.81 -16.07
CA ILE B 8 11.23 -15.40 -14.82
C ILE B 8 11.64 -16.87 -14.76
N GLN B 9 11.55 -17.57 -15.90
CA GLN B 9 11.92 -18.98 -15.90
C GLN B 9 13.38 -19.15 -15.49
N GLN B 10 14.27 -18.36 -16.09
CA GLN B 10 15.67 -18.41 -15.72
C GLN B 10 15.89 -18.02 -14.26
N ASN B 11 15.22 -16.97 -13.79
CA ASN B 11 15.42 -16.53 -12.41
C ASN B 11 14.93 -17.58 -11.41
N LYS B 12 13.85 -18.29 -11.73
CA LYS B 12 13.39 -19.36 -10.86
C LYS B 12 14.32 -20.55 -10.92
N ASP B 13 14.94 -20.79 -12.09
CA ASP B 13 15.95 -21.83 -12.18
C ASP B 13 17.15 -21.46 -11.30
N THR B 14 17.62 -20.21 -11.40
CA THR B 14 18.69 -19.75 -10.52
C THR B 14 18.30 -19.87 -9.06
N LEU B 15 17.08 -19.44 -8.73
CA LEU B 15 16.64 -19.51 -7.34
C LEU B 15 16.48 -20.94 -6.86
N SER B 16 16.17 -21.87 -7.77
CA SER B 16 16.12 -23.28 -7.43
C SER B 16 17.49 -23.80 -7.03
N GLN B 17 18.56 -23.11 -7.41
CA GLN B 17 19.91 -23.54 -7.08
C GLN B 17 20.45 -22.90 -5.82
N ILE B 18 19.84 -21.81 -5.35
CA ILE B 18 20.33 -21.10 -4.18
C ILE B 18 19.38 -21.17 -3.00
N VAL B 19 18.06 -21.30 -3.23
CA VAL B 19 17.12 -21.36 -2.11
C VAL B 19 17.24 -22.71 -1.44
N VAL B 20 17.29 -22.71 -0.11
CA VAL B 20 17.37 -23.94 0.67
C VAL B 20 16.11 -24.02 1.52
N PHE B 21 15.35 -25.13 1.37
CA PHE B 21 14.12 -25.26 2.14
C PHE B 21 14.41 -26.00 3.44
N PRO B 22 13.65 -25.69 4.50
CA PRO B 22 13.97 -26.25 5.81
C PRO B 22 13.48 -27.68 5.97
N THR B 23 14.03 -28.33 6.99
CA THR B 23 13.65 -29.70 7.29
C THR B 23 12.26 -29.76 7.90
N GLY B 24 11.91 -28.80 8.74
CA GLY B 24 10.66 -28.84 9.46
C GLY B 24 9.46 -28.54 8.59
N ASN B 25 8.28 -28.69 9.20
N ASN B 25 8.30 -28.66 9.22
CA ASN B 25 7.04 -28.40 8.50
CA ASN B 25 7.02 -28.37 8.58
C ASN B 25 6.85 -26.90 8.33
C ASN B 25 6.86 -26.87 8.34
N TYR B 26 6.12 -26.53 7.29
CA TYR B 26 5.86 -25.13 6.97
C TYR B 26 4.87 -25.04 5.81
N ASP B 27 4.34 -23.85 5.61
CA ASP B 27 3.40 -23.55 4.52
C ASP B 27 4.15 -23.57 3.22
N LYS B 28 4.05 -24.68 2.47
CA LYS B 28 4.80 -24.80 1.23
C LYS B 28 4.35 -23.77 0.21
N ASN B 29 3.06 -23.42 0.20
CA ASN B 29 2.59 -22.43 -0.76
C ASN B 29 3.19 -21.06 -0.48
N GLU B 30 3.31 -20.69 0.79
CA GLU B 30 3.91 -19.39 1.14
C GLU B 30 5.40 -19.38 0.83
N ALA B 31 6.10 -20.50 1.03
CA ALA B 31 7.49 -20.58 0.62
C ALA B 31 7.63 -20.36 -0.88
N ASN B 32 6.74 -20.95 -1.67
N ASN B 32 6.75 -20.98 -1.68
CA ASN B 32 6.77 -20.71 -3.11
CA ASN B 32 6.75 -20.72 -3.11
C ASN B 32 6.46 -19.25 -3.43
C ASN B 32 6.50 -19.24 -3.40
N ALA B 33 5.63 -18.60 -2.61
CA ALA B 33 5.33 -17.19 -2.82
C ALA B 33 6.56 -16.32 -2.58
N MET B 34 7.38 -16.70 -1.59
CA MET B 34 8.62 -15.97 -1.33
C MET B 34 9.58 -16.10 -2.51
N VAL B 35 9.70 -17.32 -3.04
CA VAL B 35 10.56 -17.53 -4.19
C VAL B 35 10.09 -16.70 -5.38
N ASN B 36 8.77 -16.64 -5.59
CA ASN B 36 8.24 -15.85 -6.70
C ASN B 36 8.57 -14.39 -6.53
N ARG B 37 8.52 -13.88 -5.29
CA ARG B 37 8.91 -12.48 -5.07
C ARG B 37 10.40 -12.28 -5.29
N LEU B 38 11.23 -13.23 -4.87
CA LEU B 38 12.66 -13.15 -5.14
C LEU B 38 12.96 -13.22 -6.62
N ALA B 39 12.08 -13.87 -7.39
CA ALA B 39 12.30 -13.98 -8.82
C ALA B 39 12.14 -12.66 -9.57
N ASN B 40 11.59 -11.63 -8.92
CA ASN B 40 11.52 -10.31 -9.53
C ASN B 40 12.85 -9.56 -9.46
N ILE B 41 13.79 -9.99 -8.63
CA ILE B 41 15.11 -9.37 -8.61
C ILE B 41 15.84 -9.68 -9.92
N ASP B 42 16.57 -8.69 -10.44
CA ASP B 42 17.28 -8.86 -11.70
C ASP B 42 18.19 -10.08 -11.64
N GLY B 43 18.13 -10.90 -12.69
CA GLY B 43 18.87 -12.15 -12.71
C GLY B 43 20.37 -11.96 -12.58
N LYS B 44 20.90 -10.82 -13.04
CA LYS B 44 22.33 -10.54 -12.91
C LYS B 44 22.77 -10.57 -11.47
N TYR B 45 21.95 -10.07 -10.56
CA TYR B 45 22.29 -10.13 -9.15
C TYR B 45 22.14 -11.55 -8.60
N LEU B 46 21.06 -12.25 -9.00
CA LEU B 46 20.83 -13.58 -8.47
C LEU B 46 21.93 -14.55 -8.90
N ASN B 47 22.34 -14.51 -10.17
CA ASN B 47 23.43 -15.36 -10.61
C ASN B 47 24.74 -14.97 -9.95
N ALA B 48 24.93 -13.69 -9.64
CA ALA B 48 26.13 -13.28 -8.90
C ALA B 48 26.11 -13.83 -7.48
N LEU B 49 24.94 -13.85 -6.84
CA LEU B 49 24.82 -14.52 -5.55
C LEU B 49 25.15 -15.99 -5.70
N LYS B 50 24.58 -16.64 -6.72
CA LYS B 50 24.84 -18.05 -6.97
C LYS B 50 26.32 -18.32 -7.19
N GLN B 51 27.03 -17.43 -7.92
CA GLN B 51 28.46 -17.63 -8.16
C GLN B 51 29.23 -17.67 -6.86
N ASN B 52 28.77 -16.95 -5.83
CA ASN B 52 29.45 -16.92 -4.55
C ASN B 52 28.92 -17.97 -3.59
N ASN B 53 28.08 -18.90 -4.05
CA ASN B 53 27.51 -19.95 -3.22
C ASN B 53 26.70 -19.38 -2.06
N LEU B 54 26.14 -18.18 -2.24
CA LEU B 54 25.20 -17.63 -1.26
C LEU B 54 23.92 -18.44 -1.30
N LYS B 55 23.52 -18.94 -0.14
CA LYS B 55 22.27 -19.69 -0.02
C LYS B 55 21.21 -18.80 0.63
N ILE B 56 19.99 -18.87 0.10
CA ILE B 56 18.85 -18.19 0.69
C ILE B 56 18.10 -19.24 1.49
N LYS B 57 18.30 -19.24 2.81
CA LYS B 57 17.76 -20.27 3.68
C LYS B 57 16.39 -19.86 4.20
N LEU B 58 15.36 -20.59 3.81
CA LEU B 58 14.01 -20.39 4.34
C LEU B 58 13.86 -21.28 5.58
N LEU B 59 13.30 -20.72 6.64
CA LEU B 59 13.31 -21.38 7.94
C LEU B 59 11.88 -21.66 8.38
N SER B 60 11.71 -22.79 9.07
CA SER B 60 10.41 -23.14 9.64
C SER B 60 10.29 -22.74 11.10
N GLY B 61 11.39 -22.32 11.73
CA GLY B 61 11.38 -21.88 13.11
C GLY B 61 12.15 -20.60 13.35
N LYS B 62 12.51 -20.34 14.60
CA LYS B 62 13.25 -19.11 14.92
C LYS B 62 14.62 -19.13 14.27
N LEU B 63 15.12 -17.93 13.92
CA LEU B 63 16.45 -17.79 13.34
C LEU B 63 17.50 -18.45 14.22
N THR B 64 17.48 -18.15 15.52
CA THR B 64 18.45 -18.66 16.48
C THR B 64 18.27 -20.13 16.80
N ASP B 65 17.20 -20.77 16.30
CA ASP B 65 17.10 -22.23 16.37
C ASP B 65 18.08 -22.91 15.41
N GLU B 66 18.59 -22.17 14.42
CA GLU B 66 19.56 -22.73 13.49
C GLU B 66 20.94 -22.76 14.14
N LYS B 67 21.70 -23.82 13.85
CA LYS B 67 22.99 -23.99 14.53
C LYS B 67 23.92 -22.83 14.25
N GLU B 68 23.94 -22.34 13.00
CA GLU B 68 24.88 -21.30 12.63
C GLU B 68 24.54 -19.94 13.19
N TYR B 69 23.33 -19.76 13.74
CA TYR B 69 22.91 -18.50 14.34
C TYR B 69 22.63 -18.62 15.83
N ALA B 70 22.95 -19.75 16.46
CA ALA B 70 22.72 -19.88 17.89
C ALA B 70 23.54 -18.86 18.68
N TYR B 71 24.67 -18.43 18.12
CA TYR B 71 25.49 -17.44 18.81
C TYR B 71 24.78 -16.10 18.97
N LEU B 72 23.70 -15.86 18.21
CA LEU B 72 22.97 -14.62 18.28
C LEU B 72 21.88 -14.63 19.36
N LYS B 73 21.72 -15.73 20.07
CA LYS B 73 20.72 -15.78 21.14
C LYS B 73 21.00 -14.69 22.17
N GLY B 74 19.98 -13.89 22.47
CA GLY B 74 20.07 -12.83 23.45
C GLY B 74 20.69 -11.54 22.96
N VAL B 75 21.22 -11.53 21.73
CA VAL B 75 21.88 -10.35 21.19
C VAL B 75 20.85 -9.41 20.61
N VAL B 76 20.99 -8.12 20.91
CA VAL B 76 20.08 -7.08 20.39
C VAL B 76 20.61 -6.63 19.04
N PRO B 77 19.83 -6.78 17.96
CA PRO B 77 20.34 -6.38 16.64
C PRO B 77 20.57 -4.88 16.56
N LYS B 78 21.44 -4.50 15.62
CA LYS B 78 21.67 -3.09 15.32
C LYS B 78 20.35 -2.40 15.04
N GLY B 79 20.12 -1.27 15.69
CA GLY B 79 18.94 -0.47 15.46
C GLY B 79 17.70 -0.94 16.17
N TRP B 80 17.75 -2.07 16.86
CA TRP B 80 16.59 -2.61 17.56
C TRP B 80 16.62 -2.31 19.05
N GLU B 81 17.48 -1.41 19.50
CA GLU B 81 17.51 -1.01 20.89
C GLU B 81 16.18 -0.39 21.27
N GLY B 82 15.65 -0.80 22.42
CA GLY B 82 14.41 -0.27 22.93
C GLY B 82 13.17 -1.04 22.52
N THR B 83 13.27 -1.94 21.54
CA THR B 83 12.13 -2.75 21.13
C THR B 83 11.81 -3.84 22.14
N GLY B 84 12.75 -4.16 23.04
CA GLY B 84 12.58 -5.31 23.91
C GLY B 84 12.78 -6.64 23.22
N LYS B 85 13.28 -6.64 22.00
CA LYS B 85 13.47 -7.85 21.22
C LYS B 85 14.96 -8.11 20.99
N THR B 86 15.29 -9.37 20.79
CA THR B 86 16.63 -9.81 20.42
C THR B 86 16.55 -10.60 19.11
N TRP B 87 17.72 -11.05 18.64
CA TRP B 87 17.77 -11.81 17.40
C TRP B 87 16.84 -13.02 17.45
N ASP B 88 16.59 -13.53 18.66
CA ASP B 88 15.67 -14.66 18.80
C ASP B 88 14.30 -14.37 18.21
N ASP B 89 13.90 -13.09 18.21
CA ASP B 89 12.54 -12.70 17.83
C ASP B 89 12.45 -12.13 16.42
N VAL B 90 13.58 -11.97 15.73
CA VAL B 90 13.65 -11.28 14.45
C VAL B 90 13.40 -12.28 13.33
N PRO B 91 12.53 -11.95 12.36
CA PRO B 91 12.16 -12.95 11.34
C PRO B 91 13.13 -13.12 10.19
N GLY B 92 14.15 -12.29 10.06
CA GLY B 92 15.02 -12.39 8.91
C GLY B 92 16.42 -11.85 9.20
N LEU B 93 17.38 -12.34 8.41
CA LEU B 93 18.78 -11.96 8.52
C LEU B 93 19.38 -11.90 7.12
N GLY B 94 20.18 -10.85 6.85
CA GLY B 94 20.85 -10.73 5.58
C GLY B 94 22.26 -10.17 5.77
N GLY B 95 23.06 -10.33 4.70
CA GLY B 95 24.47 -9.96 4.74
C GLY B 95 25.34 -11.03 4.12
N SER B 96 26.34 -11.50 4.86
N SER B 96 26.34 -11.49 4.86
CA SER B 96 27.17 -12.59 4.35
CA SER B 96 27.17 -12.58 4.37
C SER B 96 26.38 -13.88 4.18
C SER B 96 26.37 -13.87 4.17
N THR B 97 25.23 -14.00 4.84
CA THR B 97 24.31 -15.10 4.66
C THR B 97 22.90 -14.52 4.64
N VAL B 98 21.93 -15.35 4.26
CA VAL B 98 20.53 -14.93 4.24
C VAL B 98 19.69 -16.05 4.87
N ALA B 99 18.85 -15.69 5.83
CA ALA B 99 17.95 -16.62 6.52
C ALA B 99 16.64 -15.93 6.82
N LEU B 100 15.53 -16.57 6.45
CA LEU B 100 14.23 -15.92 6.43
C LEU B 100 13.15 -16.87 6.95
N ARG B 101 12.35 -16.39 7.90
CA ARG B 101 11.25 -17.19 8.45
C ARG B 101 10.07 -17.19 7.49
N ILE B 102 9.63 -18.38 7.10
CA ILE B 102 8.47 -18.49 6.21
C ILE B 102 7.22 -18.00 6.92
N GLY B 103 6.43 -17.18 6.22
CA GLY B 103 5.22 -16.61 6.73
C GLY B 103 5.34 -15.18 7.22
N PHE B 104 6.56 -14.65 7.30
CA PHE B 104 6.78 -13.32 7.87
C PHE B 104 7.17 -12.30 6.82
N SER B 105 6.83 -12.54 5.55
CA SER B 105 7.31 -11.67 4.46
C SER B 105 6.73 -10.25 4.58
N ASN B 106 5.43 -10.13 4.89
CA ASN B 106 4.76 -8.85 4.73
C ASN B 106 5.12 -7.87 5.86
N LYS B 107 5.12 -6.59 5.51
CA LYS B 107 5.31 -5.51 6.48
C LYS B 107 4.38 -5.70 7.68
N GLY B 108 4.96 -5.63 8.87
CA GLY B 108 4.23 -5.76 10.09
C GLY B 108 4.35 -7.09 10.76
N LYS B 109 4.89 -8.11 10.06
CA LYS B 109 5.03 -9.46 10.60
C LYS B 109 6.37 -9.59 11.33
N GLY B 110 6.47 -8.89 12.45
CA GLY B 110 7.70 -8.90 13.22
C GLY B 110 8.79 -8.01 12.65
N HIS B 111 8.44 -7.20 11.66
CA HIS B 111 9.38 -6.27 11.05
C HIS B 111 8.53 -5.24 10.31
N ASP B 112 9.19 -4.16 9.85
CA ASP B 112 8.51 -3.09 9.12
C ASP B 112 9.17 -2.82 7.75
N ALA B 113 9.86 -3.81 7.22
CA ALA B 113 10.37 -3.71 5.85
C ALA B 113 9.23 -3.93 4.87
N ILE B 114 9.35 -3.32 3.69
CA ILE B 114 8.32 -3.50 2.65
C ILE B 114 8.14 -4.97 2.31
N ASN B 115 9.21 -5.76 2.40
CA ASN B 115 9.16 -7.19 2.17
C ASN B 115 10.41 -7.80 2.78
N LEU B 116 10.22 -8.84 3.60
CA LEU B 116 11.32 -9.42 4.38
C LEU B 116 12.41 -9.96 3.46
N GLU B 117 12.05 -10.83 2.52
CA GLU B 117 13.06 -11.57 1.78
C GLU B 117 13.80 -10.66 0.80
N LEU B 118 13.13 -9.67 0.22
N LEU B 118 13.13 -9.67 0.22
CA LEU B 118 13.82 -8.75 -0.68
CA LEU B 118 13.84 -8.77 -0.68
C LEU B 118 14.77 -7.84 0.08
C LEU B 118 14.77 -7.82 0.07
N HIS B 119 14.38 -7.40 1.28
CA HIS B 119 15.26 -6.54 2.08
C HIS B 119 16.53 -7.26 2.48
N ALA B 120 16.38 -8.50 2.96
CA ALA B 120 17.53 -9.25 3.42
C ALA B 120 18.44 -9.60 2.25
N THR B 121 17.84 -9.98 1.11
CA THR B 121 18.64 -10.32 -0.05
C THR B 121 19.30 -9.09 -0.62
N ALA B 122 18.65 -7.93 -0.53
CA ALA B 122 19.29 -6.69 -0.96
C ALA B 122 20.57 -6.42 -0.18
N HIS B 123 20.56 -6.72 1.13
N HIS B 123 20.53 -6.68 1.14
CA HIS B 123 21.75 -6.49 1.92
CA HIS B 123 21.73 -6.53 1.96
C HIS B 123 22.86 -7.48 1.55
C HIS B 123 22.84 -7.46 1.49
N ALA B 124 22.50 -8.71 1.19
CA ALA B 124 23.51 -9.67 0.74
C ALA B 124 24.08 -9.24 -0.61
N ILE B 125 23.24 -8.72 -1.50
CA ILE B 125 23.73 -8.22 -2.78
C ILE B 125 24.62 -7.01 -2.56
N ASP B 126 24.21 -6.10 -1.69
CA ASP B 126 25.04 -4.95 -1.33
C ASP B 126 26.42 -5.38 -0.85
N HIS B 127 26.45 -6.34 0.07
CA HIS B 127 27.69 -6.71 0.75
C HIS B 127 28.54 -7.63 -0.11
N ILE B 128 27.93 -8.65 -0.70
CA ILE B 128 28.68 -9.67 -1.42
C ILE B 128 28.96 -9.26 -2.86
N VAL B 129 27.96 -8.74 -3.56
CA VAL B 129 28.08 -8.51 -5.00
C VAL B 129 28.59 -7.11 -5.31
N LEU B 130 28.16 -6.11 -4.55
CA LEU B 130 28.43 -4.72 -4.89
C LEU B 130 29.50 -4.09 -4.01
N ASN B 131 30.23 -4.89 -3.24
CA ASN B 131 31.34 -4.40 -2.43
C ASN B 131 30.92 -3.23 -1.55
N ASP B 132 29.78 -3.40 -0.88
CA ASP B 132 29.28 -2.40 0.07
C ASP B 132 29.06 -1.06 -0.62
N ILE B 133 28.34 -1.10 -1.75
CA ILE B 133 28.07 0.11 -2.51
C ILE B 133 27.21 1.08 -1.71
N SER B 134 26.39 0.58 -0.79
CA SER B 134 25.58 1.48 0.01
C SER B 134 26.44 2.45 0.81
N LYS B 135 27.73 2.16 0.94
CA LYS B 135 28.69 2.99 1.63
C LYS B 135 29.69 3.63 0.67
N SER B 136 29.35 3.75 -0.60
CA SER B 136 30.15 4.50 -1.55
C SER B 136 29.80 5.99 -1.45
N ALA B 137 30.75 6.83 -1.85
CA ALA B 137 30.55 8.27 -1.68
C ALA B 137 29.32 8.77 -2.45
N GLN B 138 29.09 8.26 -3.65
CA GLN B 138 28.00 8.78 -4.46
C GLN B 138 26.66 8.35 -3.89
N PHE B 139 26.56 7.11 -3.41
CA PHE B 139 25.32 6.74 -2.72
C PHE B 139 25.24 7.36 -1.33
N LYS B 140 26.38 7.52 -0.65
CA LYS B 140 26.37 8.24 0.62
C LYS B 140 25.75 9.61 0.43
N GLN B 141 26.09 10.28 -0.69
CA GLN B 141 25.48 11.57 -0.99
C GLN B 141 23.99 11.44 -1.26
N ILE B 142 23.58 10.37 -1.95
CA ILE B 142 22.17 10.16 -2.19
C ILE B 142 21.44 9.87 -0.88
N PHE B 143 22.03 9.02 -0.03
CA PHE B 143 21.45 8.73 1.28
C PHE B 143 21.29 10.00 2.10
N ALA B 144 22.27 10.92 2.02
CA ALA B 144 22.19 12.16 2.78
C ALA B 144 20.95 12.96 2.39
N LYS B 145 20.58 12.92 1.11
CA LYS B 145 19.44 13.69 0.63
C LYS B 145 18.12 12.94 0.82
N GLU B 146 18.08 11.66 0.50
CA GLU B 146 16.84 10.90 0.41
C GLU B 146 16.70 9.84 1.50
N GLY B 147 17.65 9.75 2.42
CA GLY B 147 17.59 8.69 3.42
C GLY B 147 16.39 8.75 4.33
N ARG B 148 15.71 9.90 4.38
CA ARG B 148 14.58 10.10 5.27
C ARG B 148 13.25 10.16 4.53
N SER B 149 13.21 9.68 3.28
CA SER B 149 12.04 9.84 2.43
C SER B 149 11.24 8.56 2.27
N LEU B 150 11.71 7.45 2.85
CA LEU B 150 10.98 6.19 2.81
C LEU B 150 10.37 5.82 4.16
N GLY B 151 10.28 6.78 5.08
CA GLY B 151 9.77 6.47 6.40
C GLY B 151 10.82 5.76 7.25
N ASN B 152 10.39 5.37 8.46
CA ASN B 152 11.30 4.77 9.42
C ASN B 152 12.63 5.53 9.44
N VAL B 153 12.52 6.86 9.50
CA VAL B 153 13.68 7.73 9.29
C VAL B 153 14.73 7.53 10.36
N ASN B 154 14.35 7.00 11.53
N ASN B 154 14.36 6.99 11.51
CA ASN B 154 15.31 6.73 12.58
CA ASN B 154 15.31 6.73 12.59
C ASN B 154 16.16 5.49 12.32
C ASN B 154 16.13 5.47 12.35
N PHE B 155 15.74 4.65 11.38
CA PHE B 155 16.49 3.46 10.98
C PHE B 155 17.04 3.61 9.57
N LEU B 156 16.16 3.79 8.59
CA LEU B 156 16.59 3.94 7.21
C LEU B 156 17.36 5.24 7.01
N GLY B 157 16.96 6.28 7.72
CA GLY B 157 17.63 7.56 7.61
C GLY B 157 18.92 7.68 8.37
N VAL B 158 19.37 6.60 9.02
CA VAL B 158 20.55 6.64 9.89
C VAL B 158 21.61 5.65 9.40
N TYR B 159 21.19 4.51 8.86
CA TYR B 159 22.11 3.49 8.40
C TYR B 159 22.06 3.44 6.87
N PRO B 160 23.09 3.85 6.15
CA PRO B 160 22.98 3.86 4.69
C PRO B 160 22.77 2.49 4.08
N GLU B 161 23.32 1.42 4.69
CA GLU B 161 23.09 0.09 4.17
C GLU B 161 21.63 -0.32 4.31
N GLU B 162 20.95 0.24 5.30
CA GLU B 162 19.52 -0.09 5.49
C GLU B 162 18.66 0.67 4.49
N PHE B 163 19.00 1.93 4.21
CA PHE B 163 18.27 2.68 3.19
C PHE B 163 18.47 2.05 1.81
N PHE B 164 19.71 1.61 1.51
CA PHE B 164 19.95 0.92 0.24
C PHE B 164 19.13 -0.36 0.15
N ALA B 165 19.20 -1.19 1.20
CA ALA B 165 18.52 -2.49 1.16
C ALA B 165 17.02 -2.32 1.00
N GLU B 166 16.44 -1.33 1.69
CA GLU B 166 15.00 -1.11 1.59
C GLU B 166 14.63 -0.48 0.26
N SER B 167 15.48 0.41 -0.27
CA SER B 167 15.16 0.96 -1.58
C SER B 167 15.26 -0.13 -2.64
N PHE B 168 16.25 -1.01 -2.55
CA PHE B 168 16.35 -2.14 -3.47
C PHE B 168 15.09 -2.99 -3.42
N ALA B 169 14.57 -3.23 -2.22
CA ALA B 169 13.34 -4.00 -2.09
C ALA B 169 12.16 -3.30 -2.74
N TYR B 170 12.02 -1.99 -2.53
CA TYR B 170 10.98 -1.22 -3.19
C TYR B 170 11.10 -1.32 -4.71
N TYR B 171 12.33 -1.26 -5.21
CA TYR B 171 12.52 -1.23 -6.66
C TYR B 171 12.01 -2.50 -7.32
N TYR B 172 12.13 -3.65 -6.64
CA TYR B 172 11.87 -4.93 -7.29
C TYR B 172 10.62 -5.63 -6.80
N LEU B 173 10.02 -5.20 -5.69
CA LEU B 173 8.89 -5.98 -5.14
C LEU B 173 7.70 -5.98 -6.11
N ASN B 174 7.14 -4.81 -6.39
CA ASN B 174 6.02 -4.72 -7.31
C ASN B 174 5.94 -3.32 -7.89
N GLN B 175 4.95 -3.10 -8.75
CA GLN B 175 4.81 -1.81 -9.41
C GLN B 175 4.44 -0.71 -8.42
N ASP B 176 3.68 -1.02 -7.38
CA ASP B 176 3.31 0.01 -6.41
C ASP B 176 4.55 0.54 -5.69
N THR B 177 5.38 -0.36 -5.18
CA THR B 177 6.55 0.05 -4.43
C THR B 177 7.58 0.69 -5.34
N ASN B 178 7.74 0.16 -6.56
CA ASN B 178 8.67 0.75 -7.51
C ASN B 178 8.27 2.18 -7.83
N SER B 179 6.98 2.40 -8.08
CA SER B 179 6.52 3.76 -8.40
C SER B 179 6.67 4.68 -7.20
N LYS B 180 6.36 4.19 -5.99
CA LYS B 180 6.50 5.03 -4.82
C LYS B 180 7.95 5.46 -4.62
N LEU B 181 8.89 4.51 -4.80
CA LEU B 181 10.30 4.85 -4.66
C LEU B 181 10.70 5.91 -5.68
N LYS B 182 10.27 5.75 -6.93
CA LYS B 182 10.65 6.71 -7.95
C LYS B 182 10.18 8.12 -7.61
N SER B 183 9.01 8.24 -6.98
CA SER B 183 8.49 9.55 -6.59
C SER B 183 9.15 10.08 -5.33
N ALA B 184 9.39 9.22 -4.34
CA ALA B 184 9.93 9.65 -3.07
C ALA B 184 11.44 9.79 -3.09
N CYS B 185 12.14 8.94 -3.84
CA CYS B 185 13.60 8.89 -3.84
C CYS B 185 14.08 8.77 -5.27
N PRO B 186 13.95 9.85 -6.06
CA PRO B 186 14.32 9.76 -7.49
C PRO B 186 15.80 9.49 -7.73
N GLN B 187 16.70 10.13 -6.97
CA GLN B 187 18.12 9.87 -7.16
C GLN B 187 18.47 8.44 -6.80
N THR B 188 17.84 7.89 -5.76
CA THR B 188 18.02 6.49 -5.41
C THR B 188 17.49 5.59 -6.52
N TYR B 189 16.35 5.95 -7.11
CA TYR B 189 15.76 5.14 -8.17
C TYR B 189 16.67 5.08 -9.38
N SER B 190 17.17 6.24 -9.84
CA SER B 190 18.07 6.24 -10.98
C SER B 190 19.33 5.45 -10.66
N PHE B 191 19.86 5.61 -9.44
CA PHE B 191 21.04 4.85 -9.04
C PHE B 191 20.81 3.35 -9.19
N LEU B 192 19.68 2.86 -8.71
CA LEU B 192 19.39 1.44 -8.83
C LEU B 192 19.13 1.04 -10.27
N GLN B 193 18.49 1.92 -11.04
CA GLN B 193 18.21 1.61 -12.43
C GLN B 193 19.50 1.53 -13.23
N ASN B 194 20.46 2.40 -12.93
CA ASN B 194 21.75 2.36 -13.62
C ASN B 194 22.58 1.17 -13.18
N LEU B 195 22.46 0.75 -11.91
CA LEU B 195 23.19 -0.42 -11.45
C LEU B 195 22.82 -1.65 -12.25
N ALA B 196 21.54 -1.76 -12.64
CA ALA B 196 21.06 -2.95 -13.35
C ALA B 196 21.31 -2.91 -14.85
N LYS B 197 21.76 -1.79 -15.38
CA LYS B 197 22.03 -1.70 -16.81
C LYS B 197 23.14 -2.68 -17.17
C ACE C 1 -23.65 9.38 -14.85
O ACE C 1 -23.45 8.16 -14.94
CH3 ACE C 1 -24.97 9.99 -15.21
N GLU C 2 -22.73 10.24 -14.44
CA GLU C 2 -21.38 9.86 -14.03
C GLU C 2 -21.40 8.75 -12.99
N VAL C 3 -20.65 7.68 -13.24
CA VAL C 3 -20.50 6.59 -12.30
C VAL C 3 -19.03 6.19 -12.21
N ALA C 4 -18.56 5.94 -10.99
CA ALA C 4 -17.18 5.52 -10.77
C ALA C 4 -17.18 4.47 -9.66
N PRO C 5 -16.32 3.46 -9.77
CA PRO C 5 -16.28 2.39 -8.76
C PRO C 5 -15.26 2.69 -7.67
N PRO C 6 -15.19 1.87 -6.64
CA PRO C 6 -14.10 1.98 -5.67
C PRO C 6 -12.81 1.40 -6.26
N VAL C 7 -11.73 1.52 -5.49
CA VAL C 7 -10.45 0.94 -5.83
C VAL C 7 -10.62 -0.59 -5.96
O LPD C 8 -8.23 -2.91 -5.88
C LPD C 8 -9.35 -3.34 -6.13
N2 LPD C 8 -9.84 -4.42 -5.52
CA LPD C 8 -10.18 -2.65 -7.14
N LPD C 8 -10.10 -1.17 -7.02
CD LPD C 8 -9.61 -0.63 -8.27
CG LPD C 8 -9.59 -1.74 -9.33
CB LPD C 8 -9.76 -3.05 -8.55
HN21 LPD C 8 -9.28 -4.91 -4.83
HN22 LPD C 8 -10.76 -4.75 -5.75
HA LPD C 8 -11.23 -2.97 -6.98
HD3 LPD C 8 -8.60 -0.23 -8.14
HD2 LPD C 8 -10.25 0.18 -8.61
HG3 LPD C 8 -10.39 -1.60 -10.05
HG2 LPD C 8 -8.64 -1.73 -9.88
HB2 LPD C 8 -10.52 -3.69 -9.02
HB3 LPD C 8 -8.83 -3.61 -8.52
C ACE D 1 29.31 -11.33 9.19
O ACE D 1 28.54 -11.38 10.16
CH3 ACE D 1 30.41 -12.32 9.01
N GLU D 2 29.22 -10.41 8.24
CA GLU D 2 28.19 -9.36 8.24
C GLU D 2 26.79 -9.93 8.38
N VAL D 3 26.05 -9.44 9.37
CA VAL D 3 24.64 -9.78 9.57
C VAL D 3 23.89 -8.49 9.87
N ALA D 4 22.72 -8.34 9.26
CA ALA D 4 21.90 -7.17 9.45
C ALA D 4 20.46 -7.63 9.62
N PRO D 5 19.68 -6.94 10.47
CA PRO D 5 18.30 -7.34 10.71
C PRO D 5 17.34 -6.65 9.75
N PRO D 6 16.06 -6.98 9.80
CA PRO D 6 15.09 -6.21 9.03
C PRO D 6 14.80 -4.88 9.72
N VAL D 7 14.06 -4.04 9.02
CA VAL D 7 13.57 -2.79 9.58
C VAL D 7 12.73 -3.09 10.80
O LPD D 8 10.50 -1.24 12.28
C LPD D 8 10.75 -2.26 12.87
N2 LPD D 8 9.79 -3.08 13.29
CA LPD D 8 12.16 -2.66 13.11
N LPD D 8 13.01 -2.46 11.94
CD LPD D 8 14.13 -1.57 12.26
CG LPD D 8 14.15 -1.40 13.78
CB LPD D 8 12.80 -1.91 14.28
HN21 LPD D 8 10.03 -3.94 13.77
HN22 LPD D 8 8.82 -2.84 13.13
HA LPD D 8 12.13 -3.74 13.36
HD3 LPD D 8 15.07 -2.01 11.92
HD2 LPD D 8 14.00 -0.61 11.77
HG3 LPD D 8 14.96 -1.98 14.23
HG2 LPD D 8 14.28 -0.35 14.06
HB2 LPD D 8 12.93 -2.58 15.13
HB3 LPD D 8 12.16 -1.09 14.59
ZN ZN E . -13.53 5.53 -7.35
ZN ZN F . 18.33 -4.60 6.99
#